data_6JM7
#
_entry.id   6JM7
#
_cell.length_a   66.734
_cell.length_b   71.593
_cell.length_c   72.452
_cell.angle_alpha   90.00
_cell.angle_beta   90.00
_cell.angle_gamma   90.00
#
_symmetry.space_group_name_H-M   'P 21 21 21'
#
loop_
_entity.id
_entity.type
_entity.pdbx_description
1 polymer ofchtiv
2 water water
#
_entity_poly.entity_id   1
_entity_poly.type   'polypeptide(L)'
_entity_poly.pdbx_seq_one_letter_code
;NDDKIVVCYYGTWATYRTGLGKFDVDDIDPFLCTHLVYAFIGINAEGTALALDPELDVERGNFKQFTSLKEKNPNLKTLV
AVGGWSEGSAQYSIMAAEPEYRQNFIQTSLAMILEYNFDGLDVDWEYPNRRDTVHGEDDIEQFSTLLKELREEFDNYGLL
LTVAVSAVEEAAVQSYDVPSVAKYVDYIGVMTYDMHGAWDSVTGHNAPLFISEGESAEQESTLYNVNNAVQYWLSAGCPP
EKLVMGVPFYGRTFQLSDPSVNAPNSPSNGAGLAGPYTAESGYVGYNEFCYILQQESSWTVQTDNLAKVPYAFLDYNWVS
FDNVESMTAKVEYANSFNLRGIMLWSIETDDFHGLCGEGTFPLLNTINTVLAEGSTEARHNNPPGHHHHHHHH
;
_entity_poly.pdbx_strand_id   A
#
# COMPACT_ATOMS: atom_id res chain seq x y z
N ASP A 3 10.11 -12.69 13.79
CA ASP A 3 10.23 -11.31 13.34
C ASP A 3 9.20 -10.92 12.28
N LYS A 4 8.11 -11.68 12.15
CA LYS A 4 7.05 -11.28 11.22
C LYS A 4 6.49 -9.93 11.63
N ILE A 5 6.22 -9.08 10.65
CA ILE A 5 5.71 -7.76 10.93
C ILE A 5 4.44 -7.50 10.12
N VAL A 6 3.65 -6.56 10.63
CA VAL A 6 2.40 -6.12 10.01
C VAL A 6 2.50 -4.60 9.91
N VAL A 7 2.60 -4.09 8.68
CA VAL A 7 2.86 -2.67 8.43
C VAL A 7 1.54 -2.06 8.00
N CYS A 8 0.94 -1.24 8.87
CA CYS A 8 -0.39 -0.67 8.63
C CYS A 8 -0.25 0.77 8.15
N TYR A 9 -0.64 1.03 6.91
CA TYR A 9 -0.77 2.43 6.46
C TYR A 9 -2.10 3.02 6.89
N TYR A 10 -2.05 4.27 7.35
CA TYR A 10 -3.24 5.03 7.73
C TYR A 10 -3.32 6.27 6.84
N GLY A 11 -4.32 6.28 5.96
CA GLY A 11 -4.64 7.47 5.17
C GLY A 11 -5.35 8.49 6.02
N THR A 12 -4.60 9.47 6.53
CA THR A 12 -5.06 10.28 7.65
C THR A 12 -6.22 11.21 7.27
N TRP A 13 -6.44 11.46 5.99
CA TRP A 13 -7.59 12.23 5.54
C TRP A 13 -8.91 11.49 5.81
N ALA A 14 -8.86 10.22 6.21
CA ALA A 14 -10.10 9.51 6.53
C ALA A 14 -10.83 10.10 7.71
N THR A 15 -10.18 10.96 8.50
CA THR A 15 -10.87 11.62 9.61
C THR A 15 -11.99 12.54 9.12
N TYR A 16 -11.95 12.96 7.86
CA TYR A 16 -12.95 13.87 7.32
C TYR A 16 -14.17 13.15 6.78
N ARG A 17 -14.15 11.83 6.71
CA ARG A 17 -15.35 11.10 6.33
C ARG A 17 -16.42 11.24 7.40
N THR A 18 -17.67 11.07 6.98
CA THR A 18 -18.78 11.23 7.90
C THR A 18 -19.34 9.88 8.33
N GLY A 19 -20.03 9.90 9.47
CA GLY A 19 -20.81 8.73 9.86
C GLY A 19 -19.94 7.50 10.05
N LEU A 20 -20.40 6.39 9.47
CA LEU A 20 -19.73 5.11 9.65
C LEU A 20 -18.43 5.00 8.87
N GLY A 21 -18.12 5.97 8.01
CA GLY A 21 -16.89 5.95 7.26
C GLY A 21 -15.75 6.68 7.96
N LYS A 22 -16.10 7.52 8.94
CA LYS A 22 -15.10 8.30 9.65
C LYS A 22 -14.12 7.40 10.36
N PHE A 23 -12.82 7.66 10.19
CA PHE A 23 -11.80 6.84 10.82
C PHE A 23 -10.72 7.77 11.32
N ASP A 24 -10.66 7.93 12.65
CA ASP A 24 -9.71 8.80 13.33
C ASP A 24 -8.54 7.98 13.87
N VAL A 25 -7.55 8.68 14.44
CA VAL A 25 -6.42 7.99 15.07
C VAL A 25 -6.92 7.02 16.13
N ASP A 26 -7.91 7.41 16.93
CA ASP A 26 -8.32 6.51 18.01
C ASP A 26 -9.20 5.36 17.53
N ASP A 27 -9.43 5.24 16.23
CA ASP A 27 -10.02 4.04 15.65
C ASP A 27 -8.97 2.95 15.38
N ILE A 28 -7.69 3.30 15.46
CA ILE A 28 -6.61 2.35 15.20
C ILE A 28 -6.48 1.40 16.37
N ASP A 29 -6.37 0.10 16.07
CA ASP A 29 -6.03 -0.88 17.09
C ASP A 29 -4.53 -1.05 17.08
N PRO A 30 -3.80 -0.50 18.07
CA PRO A 30 -2.33 -0.53 17.99
C PRO A 30 -1.73 -1.91 18.24
N PHE A 31 -2.53 -2.92 18.60
CA PHE A 31 -2.02 -4.27 18.77
C PHE A 31 -2.26 -5.16 17.56
N LEU A 32 -2.92 -4.65 16.52
CA LEU A 32 -3.09 -5.38 15.27
C LEU A 32 -2.04 -4.99 14.24
N CYS A 33 -1.12 -4.10 14.60
CA CYS A 33 -0.01 -3.71 13.75
C CYS A 33 1.26 -3.80 14.57
N THR A 34 2.38 -4.11 13.90
CA THR A 34 3.69 -3.90 14.51
C THR A 34 4.29 -2.56 14.11
N HIS A 35 3.93 -2.06 12.93
CA HIS A 35 4.43 -0.81 12.39
C HIS A 35 3.22 -0.06 11.85
N LEU A 36 3.06 1.17 12.26
CA LEU A 36 1.93 1.99 11.85
C LEU A 36 2.48 3.21 11.15
N VAL A 37 1.96 3.52 9.97
CA VAL A 37 2.56 4.53 9.10
C VAL A 37 1.57 5.67 8.85
N TYR A 38 2.00 6.90 9.13
CA TYR A 38 1.19 8.09 8.96
C TYR A 38 1.34 8.59 7.53
N ALA A 39 0.31 8.42 6.72
CA ALA A 39 0.30 8.89 5.33
C ALA A 39 -0.50 10.18 5.25
N PHE A 40 0.05 11.26 4.68
CA PHE A 40 1.39 11.44 4.13
C PHE A 40 1.91 12.80 4.55
N ILE A 41 3.23 12.95 4.63
CA ILE A 41 3.85 14.27 4.56
C ILE A 41 4.41 14.45 3.16
N GLY A 42 4.86 15.67 2.86
CA GLY A 42 5.37 15.99 1.54
C GLY A 42 6.68 16.76 1.60
N ILE A 43 7.15 17.23 0.43
CA ILE A 43 8.34 18.07 0.36
C ILE A 43 8.09 19.19 -0.64
N ASN A 44 8.95 20.20 -0.60
CA ASN A 44 9.06 21.10 -1.73
C ASN A 44 10.30 20.70 -2.53
N ALA A 45 10.50 21.37 -3.67
CA ALA A 45 11.59 20.97 -4.56
C ALA A 45 12.96 21.21 -3.92
N GLU A 46 13.04 22.12 -2.96
CA GLU A 46 14.28 22.37 -2.23
C GLU A 46 14.49 21.41 -1.08
N GLY A 47 13.62 20.39 -0.97
CA GLY A 47 13.80 19.33 -0.01
C GLY A 47 13.18 19.55 1.36
N THR A 48 12.48 20.66 1.58
CA THR A 48 11.91 20.90 2.90
C THR A 48 10.73 19.96 3.14
N ALA A 49 10.84 19.13 4.17
CA ALA A 49 9.73 18.28 4.57
C ALA A 49 8.61 19.13 5.14
N LEU A 50 7.37 18.76 4.83
CA LEU A 50 6.30 19.64 5.28
C LEU A 50 5.02 18.87 5.51
N ALA A 51 4.19 19.41 6.40
CA ALA A 51 2.87 18.85 6.66
C ALA A 51 1.93 19.21 5.52
N LEU A 52 1.22 18.20 5.02
CA LEU A 52 0.29 18.42 3.92
C LEU A 52 -1.09 18.86 4.40
N ASP A 53 -1.39 18.68 5.68
CA ASP A 53 -2.66 19.13 6.25
C ASP A 53 -2.36 19.67 7.64
N PRO A 54 -1.68 20.81 7.73
CA PRO A 54 -1.20 21.27 9.04
C PRO A 54 -2.31 21.51 10.04
N GLU A 55 -3.51 21.90 9.60
CA GLU A 55 -4.61 22.07 10.54
C GLU A 55 -4.87 20.78 11.31
N LEU A 56 -4.85 19.64 10.61
CA LEU A 56 -4.99 18.34 11.26
C LEU A 56 -3.70 17.89 11.92
N ASP A 57 -2.60 17.85 11.14
CA ASP A 57 -1.36 17.22 11.57
C ASP A 57 -0.75 17.94 12.77
N VAL A 58 -0.76 19.27 12.73
CA VAL A 58 -0.05 20.10 13.70
C VAL A 58 -1.02 20.78 14.68
N GLU A 59 -1.92 21.63 14.17
CA GLU A 59 -2.80 22.40 15.03
C GLU A 59 -3.67 21.51 15.90
N ARG A 60 -4.31 20.49 15.31
CA ARG A 60 -5.15 19.56 16.05
C ARG A 60 -4.36 18.37 16.62
N GLY A 61 -3.05 18.37 16.48
CA GLY A 61 -2.20 17.42 17.21
C GLY A 61 -2.23 16.00 16.68
N ASN A 62 -2.54 15.83 15.40
CA ASN A 62 -2.76 14.49 14.89
C ASN A 62 -1.47 13.67 14.81
N PHE A 63 -0.34 14.30 14.43
CA PHE A 63 0.94 13.59 14.48
C PHE A 63 1.16 12.98 15.86
N LYS A 64 1.02 13.79 16.91
CA LYS A 64 1.33 13.37 18.27
C LYS A 64 0.32 12.35 18.78
N GLN A 65 -0.95 12.51 18.42
CA GLN A 65 -1.95 11.51 18.80
C GLN A 65 -1.60 10.15 18.20
N PHE A 66 -1.14 10.14 16.96
CA PHE A 66 -0.75 8.92 16.28
C PHE A 66 0.44 8.26 16.97
N THR A 67 1.51 9.02 17.23
CA THR A 67 2.64 8.38 17.88
C THR A 67 2.36 8.04 19.33
N SER A 68 1.37 8.69 19.95
CA SER A 68 0.98 8.36 21.32
C SER A 68 0.27 7.02 21.42
N LEU A 69 -0.03 6.36 20.29
CA LEU A 69 -0.50 4.99 20.35
C LEU A 69 0.52 4.08 21.01
N LYS A 70 1.80 4.46 21.03
CA LYS A 70 2.81 3.69 21.74
C LYS A 70 2.58 3.69 23.25
N GLU A 71 1.74 4.59 23.76
CA GLU A 71 1.37 4.52 25.18
C GLU A 71 0.51 3.31 25.47
N LYS A 72 -0.26 2.85 24.47
CA LYS A 72 -1.05 1.63 24.62
C LYS A 72 -0.24 0.38 24.30
N ASN A 73 0.49 0.38 23.18
CA ASN A 73 1.37 -0.74 22.81
C ASN A 73 2.80 -0.22 22.76
N PRO A 74 3.59 -0.44 23.82
CA PRO A 74 4.96 0.12 23.85
C PRO A 74 5.89 -0.49 22.80
N ASN A 75 5.57 -1.66 22.26
CA ASN A 75 6.41 -2.27 21.22
C ASN A 75 6.09 -1.75 19.82
N LEU A 76 5.03 -0.97 19.67
CA LEU A 76 4.64 -0.47 18.36
C LEU A 76 5.66 0.52 17.83
N LYS A 77 5.96 0.42 16.53
CA LYS A 77 6.78 1.40 15.85
C LYS A 77 5.87 2.27 14.99
N THR A 78 6.05 3.59 15.06
CA THR A 78 5.22 4.54 14.35
C THR A 78 6.11 5.35 13.40
N LEU A 79 5.86 5.22 12.10
CA LEU A 79 6.62 5.88 11.07
C LEU A 79 5.77 6.95 10.42
N VAL A 80 6.43 7.92 9.80
CA VAL A 80 5.77 8.93 8.98
C VAL A 80 6.19 8.65 7.54
N ALA A 81 5.21 8.66 6.62
CA ALA A 81 5.48 8.38 5.22
C ALA A 81 5.49 9.68 4.44
N VAL A 82 6.55 9.87 3.66
CA VAL A 82 6.68 11.04 2.79
C VAL A 82 6.42 10.58 1.36
N GLY A 83 5.65 11.38 0.63
CA GLY A 83 5.37 11.05 -0.76
C GLY A 83 3.92 10.65 -0.98
N GLY A 84 3.73 9.53 -1.68
CA GLY A 84 2.40 9.07 -2.04
C GLY A 84 2.03 9.52 -3.43
N TRP A 85 0.92 8.96 -3.92
CA TRP A 85 0.51 9.20 -5.30
C TRP A 85 0.32 10.68 -5.59
N SER A 86 -0.45 11.38 -4.75
CA SER A 86 -0.79 12.77 -5.03
C SER A 86 0.43 13.68 -5.01
N GLU A 87 1.48 13.32 -4.27
CA GLU A 87 2.68 14.14 -4.22
C GLU A 87 3.46 14.14 -5.54
N GLY A 88 3.33 13.08 -6.34
CA GLY A 88 4.02 13.08 -7.62
C GLY A 88 5.51 12.87 -7.50
N SER A 89 6.21 13.14 -8.61
CA SER A 89 7.61 12.75 -8.73
C SER A 89 8.57 13.91 -8.90
N ALA A 90 8.14 15.00 -9.54
CA ALA A 90 9.04 16.10 -9.92
C ALA A 90 9.88 16.60 -8.75
N GLN A 91 9.23 16.93 -7.63
CA GLN A 91 9.98 17.59 -6.57
C GLN A 91 10.96 16.63 -5.91
N TYR A 92 10.64 15.33 -5.90
CA TYR A 92 11.58 14.34 -5.38
C TYR A 92 12.75 14.16 -6.32
N SER A 93 12.49 14.17 -7.62
CA SER A 93 13.56 14.13 -8.62
C SER A 93 14.51 15.30 -8.45
N ILE A 94 13.96 16.50 -8.28
CA ILE A 94 14.78 17.70 -8.08
C ILE A 94 15.57 17.61 -6.78
N MET A 95 14.90 17.23 -5.68
CA MET A 95 15.56 17.16 -4.39
C MET A 95 16.69 16.14 -4.39
N ALA A 96 16.44 14.94 -4.93
CA ALA A 96 17.42 13.87 -4.86
C ALA A 96 18.69 14.17 -5.66
N ALA A 97 18.59 15.02 -6.68
CA ALA A 97 19.73 15.32 -7.54
C ALA A 97 20.73 16.30 -6.93
N GLU A 98 20.34 17.06 -5.91
CA GLU A 98 21.19 18.12 -5.38
C GLU A 98 21.63 17.79 -3.96
N PRO A 99 22.94 17.68 -3.70
CA PRO A 99 23.39 17.36 -2.32
C PRO A 99 22.80 18.29 -1.26
N GLU A 100 22.66 19.57 -1.58
CA GLU A 100 22.14 20.55 -0.63
C GLU A 100 20.67 20.26 -0.31
N TYR A 101 19.89 19.86 -1.31
CA TYR A 101 18.47 19.58 -1.09
C TYR A 101 18.29 18.25 -0.37
N ARG A 102 19.13 17.25 -0.68
CA ARG A 102 19.09 16.02 0.08
C ARG A 102 19.40 16.28 1.55
N GLN A 103 20.43 17.09 1.82
CA GLN A 103 20.77 17.39 3.21
C GLN A 103 19.61 18.10 3.90
N ASN A 104 19.00 19.06 3.20
CA ASN A 104 17.84 19.77 3.76
C ASN A 104 16.69 18.79 4.03
N PHE A 105 16.46 17.82 3.14
CA PHE A 105 15.41 16.85 3.40
C PHE A 105 15.73 15.98 4.61
N ILE A 106 16.97 15.53 4.72
CA ILE A 106 17.35 14.70 5.86
C ILE A 106 17.16 15.49 7.16
N GLN A 107 17.59 16.76 7.19
CA GLN A 107 17.48 17.54 8.41
C GLN A 107 16.04 17.87 8.76
N THR A 108 15.23 18.26 7.77
CA THR A 108 13.86 18.65 8.07
C THR A 108 12.95 17.46 8.35
N SER A 109 13.17 16.32 7.67
CA SER A 109 12.37 15.15 8.02
C SER A 109 12.75 14.64 9.40
N LEU A 110 14.04 14.65 9.73
CA LEU A 110 14.48 14.27 11.07
C LEU A 110 13.86 15.17 12.13
N ALA A 111 13.78 16.48 11.86
CA ALA A 111 13.17 17.40 12.83
C ALA A 111 11.70 17.04 13.09
N MET A 112 10.94 16.72 12.04
CA MET A 112 9.55 16.31 12.24
C MET A 112 9.48 15.00 13.00
N ILE A 113 10.35 14.05 12.65
CA ILE A 113 10.35 12.75 13.30
C ILE A 113 10.60 12.88 14.80
N LEU A 114 11.62 13.66 15.18
CA LEU A 114 11.95 13.79 16.60
C LEU A 114 10.91 14.63 17.34
N GLU A 115 10.43 15.72 16.74
CA GLU A 115 9.48 16.58 17.44
C GLU A 115 8.19 15.83 17.75
N TYR A 116 7.71 15.03 16.81
CA TYR A 116 6.42 14.40 16.96
C TYR A 116 6.53 12.96 17.45
N ASN A 117 7.74 12.50 17.80
CA ASN A 117 7.97 11.20 18.43
C ASN A 117 7.68 10.04 17.47
N PHE A 118 7.98 10.22 16.18
CA PHE A 118 7.98 9.10 15.26
C PHE A 118 9.24 8.26 15.46
N ASP A 119 9.17 7.02 14.99
CA ASP A 119 10.29 6.09 15.10
C ASP A 119 11.10 5.96 13.83
N GLY A 120 10.70 6.65 12.77
CA GLY A 120 11.42 6.53 11.52
C GLY A 120 10.60 7.10 10.37
N LEU A 121 11.15 6.91 9.18
CA LEU A 121 10.66 7.51 7.95
C LEU A 121 10.41 6.41 6.95
N ASP A 122 9.25 6.46 6.29
CA ASP A 122 8.91 5.63 5.14
C ASP A 122 8.93 6.53 3.90
N VAL A 123 9.74 6.19 2.91
CA VAL A 123 9.85 6.99 1.69
C VAL A 123 8.99 6.34 0.62
N ASP A 124 7.98 7.08 0.15
CA ASP A 124 7.02 6.61 -0.86
C ASP A 124 7.06 7.53 -2.10
N TRP A 125 8.22 7.69 -2.69
CA TRP A 125 8.35 8.48 -3.91
C TRP A 125 7.76 7.69 -5.08
N GLU A 126 6.71 8.23 -5.70
CA GLU A 126 5.98 7.53 -6.77
C GLU A 126 6.12 8.33 -8.06
N TYR A 127 7.16 8.09 -8.86
CA TYR A 127 8.23 7.10 -8.66
C TYR A 127 9.48 7.66 -9.29
N PRO A 128 10.65 7.21 -8.85
CA PRO A 128 11.89 7.59 -9.56
C PRO A 128 11.77 7.26 -11.05
N ASN A 129 12.14 8.24 -11.90
CA ASN A 129 12.18 8.04 -13.35
C ASN A 129 10.80 7.73 -13.94
N ARG A 130 9.73 8.17 -13.30
CA ARG A 130 8.39 7.98 -13.84
C ARG A 130 7.55 9.21 -13.56
N ARG A 131 6.36 9.22 -14.19
CA ARG A 131 5.37 10.31 -14.02
C ARG A 131 6.08 11.62 -14.34
N ASP A 132 5.96 12.67 -13.50
CA ASP A 132 6.52 13.97 -13.82
C ASP A 132 7.97 14.13 -13.36
N THR A 133 8.76 13.04 -13.37
CA THR A 133 10.20 13.11 -13.09
C THR A 133 10.85 14.21 -13.91
N VAL A 134 11.84 14.86 -13.30
CA VAL A 134 12.59 15.93 -13.94
C VAL A 134 13.89 15.43 -14.53
N HIS A 135 14.61 14.58 -13.80
CA HIS A 135 15.94 14.12 -14.22
C HIS A 135 15.93 12.71 -14.79
N GLY A 136 14.76 12.08 -14.91
CA GLY A 136 14.67 10.81 -15.63
C GLY A 136 15.49 9.72 -15.00
N GLU A 137 16.32 9.06 -15.81
CA GLU A 137 16.99 7.85 -15.33
C GLU A 137 18.04 8.16 -14.24
N ASP A 138 18.48 9.41 -14.14
CA ASP A 138 19.32 9.80 -13.01
C ASP A 138 18.67 9.50 -11.68
N ASP A 139 17.32 9.51 -11.63
CA ASP A 139 16.60 9.30 -10.38
C ASP A 139 16.95 7.96 -9.74
N ILE A 140 17.25 6.95 -10.57
CA ILE A 140 17.53 5.62 -10.03
C ILE A 140 18.75 5.66 -9.12
N GLU A 141 19.82 6.29 -9.58
CA GLU A 141 21.01 6.47 -8.74
C GLU A 141 20.72 7.40 -7.57
N GLN A 142 20.09 8.54 -7.83
CA GLN A 142 19.90 9.54 -6.77
C GLN A 142 19.01 9.01 -5.66
N PHE A 143 18.05 8.15 -6.00
CA PHE A 143 17.22 7.52 -4.98
C PHE A 143 18.07 6.68 -4.03
N SER A 144 18.97 5.86 -4.58
CA SER A 144 19.84 5.06 -3.71
C SER A 144 20.79 5.94 -2.90
N THR A 145 21.28 7.03 -3.48
CA THR A 145 22.14 7.94 -2.72
C THR A 145 21.38 8.56 -1.56
N LEU A 146 20.13 8.97 -1.81
CA LEU A 146 19.28 9.54 -0.77
C LEU A 146 19.10 8.57 0.39
N LEU A 147 18.81 7.29 0.08
CA LEU A 147 18.62 6.31 1.13
C LEU A 147 19.90 6.09 1.93
N LYS A 148 21.04 6.02 1.25
CA LYS A 148 22.32 5.86 1.94
C LYS A 148 22.54 7.00 2.94
N GLU A 149 22.27 8.24 2.51
CA GLU A 149 22.53 9.39 3.38
C GLU A 149 21.49 9.48 4.50
N LEU A 150 20.24 9.11 4.23
CA LEU A 150 19.27 9.00 5.31
C LEU A 150 19.71 7.98 6.35
N ARG A 151 20.15 6.81 5.90
CA ARG A 151 20.58 5.78 6.84
C ARG A 151 21.72 6.28 7.71
N GLU A 152 22.72 6.92 7.09
CA GLU A 152 23.88 7.42 7.82
C GLU A 152 23.47 8.37 8.94
N GLU A 153 22.54 9.27 8.66
CA GLU A 153 22.10 10.20 9.71
C GLU A 153 21.19 9.51 10.72
N PHE A 154 20.26 8.68 10.23
CA PHE A 154 19.26 8.09 11.13
C PHE A 154 19.91 7.14 12.13
N ASP A 155 21.04 6.53 11.79
CA ASP A 155 21.69 5.62 12.72
C ASP A 155 22.21 6.33 13.97
N ASN A 156 22.40 7.65 13.91
CA ASN A 156 22.76 8.41 15.10
C ASN A 156 21.63 8.45 16.13
N TYR A 157 20.40 8.15 15.72
CA TYR A 157 19.24 8.28 16.57
C TYR A 157 18.47 6.97 16.72
N GLY A 158 18.97 5.86 16.18
CA GLY A 158 18.26 4.60 16.26
C GLY A 158 16.94 4.57 15.50
N LEU A 159 16.82 5.36 14.44
CA LEU A 159 15.57 5.50 13.70
C LEU A 159 15.47 4.50 12.54
N LEU A 160 14.23 4.15 12.21
CA LEU A 160 13.94 3.25 11.10
C LEU A 160 13.89 4.02 9.79
N LEU A 161 14.28 3.34 8.70
CA LEU A 161 14.14 3.86 7.34
C LEU A 161 13.55 2.77 6.48
N THR A 162 12.39 3.04 5.89
CA THR A 162 11.73 2.05 5.05
C THR A 162 11.32 2.73 3.75
N VAL A 163 10.89 1.90 2.79
CA VAL A 163 10.39 2.40 1.51
C VAL A 163 9.13 1.64 1.13
N ALA A 164 8.31 2.27 0.30
CA ALA A 164 7.25 1.62 -0.44
C ALA A 164 7.61 1.74 -1.92
N VAL A 165 7.53 0.61 -2.64
CA VAL A 165 8.01 0.54 -4.02
C VAL A 165 6.98 -0.10 -4.95
N SER A 166 7.07 0.25 -6.22
CA SER A 166 6.27 -0.42 -7.25
C SER A 166 6.64 -1.91 -7.29
N ALA A 167 5.69 -2.72 -7.77
CA ALA A 167 5.76 -4.16 -7.54
C ALA A 167 6.31 -4.95 -8.73
N VAL A 168 5.68 -4.86 -9.91
CA VAL A 168 6.01 -5.79 -10.99
C VAL A 168 7.33 -5.39 -11.62
N GLU A 169 8.01 -6.38 -12.22
CA GLU A 169 9.32 -6.15 -12.80
C GLU A 169 9.33 -4.98 -13.78
N GLU A 170 8.35 -4.94 -14.68
CA GLU A 170 8.33 -3.89 -15.70
C GLU A 170 8.35 -2.50 -15.09
N ALA A 171 7.71 -2.32 -13.93
CA ALA A 171 7.73 -1.04 -13.24
C ALA A 171 9.02 -0.86 -12.44
N ALA A 172 9.43 -1.92 -11.73
CA ALA A 172 10.56 -1.80 -10.81
C ALA A 172 11.85 -1.46 -11.54
N VAL A 173 12.08 -2.06 -12.71
CA VAL A 173 13.33 -1.79 -13.41
C VAL A 173 13.42 -0.36 -13.89
N GLN A 174 12.30 0.37 -13.94
CA GLN A 174 12.34 1.77 -14.32
C GLN A 174 12.85 2.67 -13.21
N SER A 175 12.76 2.22 -11.96
CA SER A 175 12.94 3.10 -10.82
C SER A 175 14.07 2.73 -9.88
N TYR A 176 14.45 1.45 -9.79
CA TYR A 176 15.25 0.98 -8.65
C TYR A 176 16.42 0.11 -9.04
N ASP A 177 17.52 0.31 -8.34
CA ASP A 177 18.55 -0.71 -8.20
C ASP A 177 18.25 -1.47 -6.91
N VAL A 178 17.74 -2.69 -7.04
CA VAL A 178 17.18 -3.38 -5.88
C VAL A 178 18.20 -3.62 -4.78
N PRO A 179 19.41 -4.12 -5.06
CA PRO A 179 20.36 -4.34 -3.95
C PRO A 179 20.71 -3.07 -3.20
N SER A 180 20.88 -1.94 -3.90
CA SER A 180 21.25 -0.72 -3.20
C SER A 180 20.07 -0.17 -2.40
N VAL A 181 18.84 -0.39 -2.86
CA VAL A 181 17.69 0.01 -2.06
C VAL A 181 17.59 -0.86 -0.81
N ALA A 182 17.70 -2.19 -0.98
CA ALA A 182 17.57 -3.07 0.17
C ALA A 182 18.66 -2.81 1.20
N LYS A 183 19.86 -2.42 0.76
CA LYS A 183 21.02 -2.35 1.65
C LYS A 183 20.78 -1.40 2.81
N TYR A 184 20.10 -0.28 2.56
CA TYR A 184 20.02 0.81 3.53
C TYR A 184 18.72 0.84 4.32
N VAL A 185 17.73 0.03 3.95
CA VAL A 185 16.43 0.11 4.59
C VAL A 185 16.27 -1.04 5.57
N ASP A 186 15.38 -0.84 6.54
CA ASP A 186 14.98 -1.92 7.44
C ASP A 186 14.11 -2.94 6.73
N TYR A 187 13.25 -2.48 5.81
CA TYR A 187 12.51 -3.40 4.93
C TYR A 187 11.96 -2.59 3.76
N ILE A 188 11.58 -3.33 2.72
CA ILE A 188 10.95 -2.81 1.52
C ILE A 188 9.49 -3.26 1.52
N GLY A 189 8.57 -2.29 1.50
CA GLY A 189 7.16 -2.62 1.34
C GLY A 189 6.81 -2.60 -0.14
N VAL A 190 6.60 -3.78 -0.72
CA VAL A 190 6.30 -3.88 -2.15
C VAL A 190 4.80 -3.70 -2.35
N MET A 191 4.42 -2.74 -3.19
CA MET A 191 2.99 -2.38 -3.36
C MET A 191 2.33 -3.33 -4.34
N THR A 192 2.12 -4.57 -3.86
CA THR A 192 1.55 -5.65 -4.67
C THR A 192 0.02 -5.55 -4.74
N TYR A 193 -0.43 -4.46 -5.36
CA TYR A 193 -1.83 -4.16 -5.60
C TYR A 193 -1.87 -3.13 -6.73
N ASP A 194 -3.08 -2.70 -7.12
CA ASP A 194 -3.27 -1.87 -8.32
C ASP A 194 -2.66 -2.55 -9.54
N MET A 195 -2.71 -3.89 -9.56
CA MET A 195 -2.20 -4.62 -10.71
C MET A 195 -3.02 -4.30 -11.95
N HIS A 196 -4.32 -4.11 -11.76
CA HIS A 196 -5.28 -3.75 -12.78
C HIS A 196 -6.31 -2.82 -12.15
N GLY A 197 -6.98 -2.04 -13.00
CA GLY A 197 -7.92 -1.07 -12.52
C GLY A 197 -8.65 -0.46 -13.71
N ALA A 198 -9.52 0.50 -13.40
CA ALA A 198 -10.42 1.05 -14.42
C ALA A 198 -9.71 1.82 -15.52
N TRP A 199 -8.39 2.07 -15.38
CA TRP A 199 -7.59 2.60 -16.48
C TRP A 199 -7.38 1.58 -17.59
N ASP A 200 -7.61 0.30 -17.31
CA ASP A 200 -7.40 -0.75 -18.30
C ASP A 200 -8.59 -0.83 -19.25
N SER A 201 -8.37 -1.52 -20.37
CA SER A 201 -9.42 -1.68 -21.37
C SER A 201 -10.34 -2.84 -21.06
N VAL A 202 -9.97 -3.68 -20.10
CA VAL A 202 -10.75 -4.84 -19.70
C VAL A 202 -10.76 -4.91 -18.18
N THR A 203 -11.74 -5.61 -17.64
CA THR A 203 -11.75 -5.89 -16.22
C THR A 203 -10.53 -6.72 -15.84
N GLY A 204 -10.08 -6.56 -14.60
CA GLY A 204 -8.93 -7.30 -14.11
C GLY A 204 -8.88 -7.18 -12.61
N HIS A 205 -8.09 -8.05 -12.00
CA HIS A 205 -8.03 -8.08 -10.55
C HIS A 205 -7.04 -7.06 -10.01
N ASN A 206 -7.41 -6.49 -8.88
CA ASN A 206 -6.57 -5.50 -8.21
C ASN A 206 -5.30 -6.15 -7.67
N ALA A 207 -5.40 -7.37 -7.16
CA ALA A 207 -4.24 -8.06 -6.57
C ALA A 207 -4.35 -9.56 -6.80
N PRO A 208 -4.37 -10.00 -8.07
CA PRO A 208 -4.37 -11.45 -8.32
C PRO A 208 -3.06 -12.06 -7.84
N LEU A 209 -3.16 -13.25 -7.22
CA LEU A 209 -1.96 -13.92 -6.76
C LEU A 209 -1.18 -14.53 -7.92
N PHE A 210 -1.88 -15.22 -8.81
CA PHE A 210 -1.27 -15.90 -9.95
C PHE A 210 -1.96 -15.41 -11.22
N ILE A 211 -1.77 -16.14 -12.32
CA ILE A 211 -2.47 -15.88 -13.58
C ILE A 211 -3.98 -15.79 -13.34
N SER A 212 -4.66 -14.95 -14.11
CA SER A 212 -6.09 -14.71 -13.99
C SER A 212 -6.86 -15.36 -15.13
N GLU A 213 -8.14 -15.59 -14.90
CA GLU A 213 -9.04 -15.97 -15.97
C GLU A 213 -8.94 -14.98 -17.13
N GLY A 214 -8.87 -15.52 -18.35
CA GLY A 214 -8.83 -14.69 -19.52
C GLY A 214 -7.45 -14.23 -19.93
N GLU A 215 -6.41 -14.66 -19.22
CA GLU A 215 -5.03 -14.32 -19.53
C GLU A 215 -4.32 -15.48 -20.21
N SER A 216 -3.43 -15.13 -21.13
CA SER A 216 -2.60 -16.14 -21.79
C SER A 216 -1.47 -16.60 -20.89
N ALA A 217 -1.17 -17.89 -20.94
CA ALA A 217 -0.10 -18.48 -20.13
C ALA A 217 1.27 -18.37 -20.79
N GLU A 218 1.34 -17.99 -22.06
CA GLU A 218 2.65 -17.78 -22.66
C GLU A 218 3.22 -16.46 -22.16
N GLN A 219 4.54 -16.43 -21.95
CA GLN A 219 5.23 -15.33 -21.25
C GLN A 219 4.51 -14.96 -19.95
N GLU A 220 4.24 -15.98 -19.14
CA GLU A 220 3.49 -15.79 -17.90
C GLU A 220 4.19 -14.86 -16.92
N SER A 221 5.53 -14.82 -16.95
CA SER A 221 6.28 -14.00 -16.01
C SER A 221 6.08 -12.50 -16.22
N THR A 222 5.50 -12.11 -17.35
CA THR A 222 5.26 -10.70 -17.65
C THR A 222 3.91 -10.20 -17.15
N LEU A 223 3.06 -11.09 -16.64
CA LEU A 223 1.74 -10.69 -16.20
C LEU A 223 1.82 -9.94 -14.88
N TYR A 224 0.85 -9.07 -14.65
CA TYR A 224 0.84 -8.26 -13.43
C TYR A 224 0.12 -9.04 -12.34
N ASN A 225 0.88 -9.77 -11.52
CA ASN A 225 0.27 -10.43 -10.36
C ASN A 225 1.28 -10.47 -9.22
N VAL A 226 0.77 -10.83 -8.03
CA VAL A 226 1.55 -10.73 -6.81
C VAL A 226 2.73 -11.68 -6.84
N ASN A 227 2.51 -12.92 -7.31
CA ASN A 227 3.60 -13.89 -7.35
C ASN A 227 4.74 -13.42 -8.23
N ASN A 228 4.44 -12.90 -9.42
CA ASN A 228 5.51 -12.43 -10.29
C ASN A 228 6.29 -11.28 -9.66
N ALA A 229 5.59 -10.36 -8.99
CA ALA A 229 6.26 -9.24 -8.35
C ALA A 229 7.16 -9.70 -7.22
N VAL A 230 6.63 -10.55 -6.32
CA VAL A 230 7.43 -11.02 -5.19
C VAL A 230 8.64 -11.79 -5.68
N GLN A 231 8.44 -12.69 -6.66
CA GLN A 231 9.57 -13.45 -7.15
C GLN A 231 10.59 -12.58 -7.88
N TYR A 232 10.14 -11.49 -8.53
CA TYR A 232 11.11 -10.56 -9.12
C TYR A 232 11.96 -9.92 -8.03
N TRP A 233 11.32 -9.39 -6.99
CA TRP A 233 12.08 -8.68 -5.97
C TRP A 233 13.04 -9.62 -5.24
N LEU A 234 12.63 -10.83 -4.95
CA LEU A 234 13.51 -11.81 -4.33
C LEU A 234 14.68 -12.14 -5.27
N SER A 235 14.35 -12.37 -6.51
CA SER A 235 15.37 -12.60 -7.47
CA SER A 235 15.48 -12.68 -7.36
C SER A 235 16.51 -11.51 -7.84
N ALA A 236 16.04 -10.31 -7.61
CA ALA A 236 16.82 -9.14 -7.87
C ALA A 236 17.68 -8.73 -6.68
N GLY A 237 17.57 -9.44 -5.59
CA GLY A 237 18.44 -9.19 -4.47
C GLY A 237 17.80 -8.65 -3.21
N CYS A 238 16.47 -8.58 -3.14
CA CYS A 238 15.85 -8.24 -1.86
C CYS A 238 15.77 -9.49 -0.98
N PRO A 239 16.47 -9.54 0.14
CA PRO A 239 16.40 -10.73 0.99
C PRO A 239 15.00 -10.89 1.54
N PRO A 240 14.54 -12.14 1.77
CA PRO A 240 13.17 -12.33 2.26
C PRO A 240 12.89 -11.60 3.55
N GLU A 241 13.90 -11.46 4.42
CA GLU A 241 13.71 -10.79 5.69
C GLU A 241 13.61 -9.28 5.54
N LYS A 242 13.73 -8.75 4.33
CA LYS A 242 13.47 -7.34 4.07
C LYS A 242 12.31 -7.13 3.11
N LEU A 243 11.61 -8.20 2.70
CA LEU A 243 10.53 -8.09 1.73
C LEU A 243 9.20 -8.18 2.46
N VAL A 244 8.46 -7.08 2.48
CA VAL A 244 7.15 -7.01 3.12
C VAL A 244 6.13 -6.90 2.01
N MET A 245 5.19 -7.84 1.96
CA MET A 245 4.28 -7.96 0.82
C MET A 245 3.02 -7.14 1.05
N GLY A 246 2.75 -6.21 0.13
CA GLY A 246 1.54 -5.40 0.24
C GLY A 246 0.29 -6.18 -0.08
N VAL A 247 -0.78 -5.84 0.63
CA VAL A 247 -2.13 -6.34 0.33
C VAL A 247 -3.11 -5.19 0.41
N PRO A 248 -4.19 -5.26 -0.39
CA PRO A 248 -5.18 -4.16 -0.41
C PRO A 248 -6.38 -4.40 0.49
N PHE A 249 -6.82 -3.36 1.19
CA PHE A 249 -8.09 -3.38 1.92
C PHE A 249 -9.17 -2.64 1.14
N TYR A 250 -9.09 -2.71 -0.19
CA TYR A 250 -10.00 -1.99 -1.06
C TYR A 250 -10.13 -2.82 -2.31
N GLY A 251 -11.10 -2.48 -3.13
CA GLY A 251 -11.26 -3.05 -4.45
C GLY A 251 -11.33 -1.97 -5.50
N ARG A 252 -11.43 -2.41 -6.75
CA ARG A 252 -11.52 -1.50 -7.87
C ARG A 252 -12.73 -1.86 -8.71
N THR A 253 -13.36 -0.85 -9.29
CA THR A 253 -14.67 -1.01 -9.88
C THR A 253 -14.65 -0.55 -11.33
N PHE A 254 -15.48 -1.22 -12.13
CA PHE A 254 -15.48 -1.10 -13.58
C PHE A 254 -16.91 -0.98 -14.08
N GLN A 255 -17.07 -0.33 -15.25
CA GLN A 255 -18.32 -0.35 -16.01
C GLN A 255 -18.11 -1.27 -17.21
N LEU A 256 -18.80 -2.41 -17.22
CA LEU A 256 -18.65 -3.36 -18.32
C LEU A 256 -19.12 -2.75 -19.62
N SER A 257 -18.46 -3.12 -20.71
CA SER A 257 -18.97 -2.73 -22.04
C SER A 257 -20.26 -3.47 -22.37
N ASP A 258 -20.32 -4.76 -22.02
CA ASP A 258 -21.51 -5.58 -22.24
C ASP A 258 -21.74 -6.38 -20.96
N PRO A 259 -22.83 -6.11 -20.22
CA PRO A 259 -23.04 -6.80 -18.94
C PRO A 259 -23.12 -8.32 -19.05
N SER A 260 -23.47 -8.86 -20.22
CA SER A 260 -23.52 -10.31 -20.34
C SER A 260 -22.13 -10.94 -20.41
N VAL A 261 -21.08 -10.14 -20.61
CA VAL A 261 -19.70 -10.61 -20.65
C VAL A 261 -19.03 -10.05 -19.41
N ASN A 262 -18.97 -10.86 -18.33
CA ASN A 262 -18.65 -10.34 -17.01
C ASN A 262 -17.56 -11.17 -16.32
N ALA A 263 -16.79 -11.95 -17.08
CA ALA A 263 -15.62 -12.63 -16.55
C ALA A 263 -14.51 -11.62 -16.31
N PRO A 264 -13.45 -11.99 -15.57
CA PRO A 264 -12.23 -11.19 -15.61
C PRO A 264 -11.74 -11.09 -17.05
N ASN A 265 -11.10 -9.96 -17.38
CA ASN A 265 -10.57 -9.68 -18.72
C ASN A 265 -11.70 -9.57 -19.75
N SER A 266 -12.85 -9.01 -19.32
CA SER A 266 -13.92 -8.63 -20.20
C SER A 266 -13.83 -7.14 -20.54
N PRO A 267 -14.18 -6.75 -21.76
CA PRO A 267 -14.16 -5.34 -22.14
C PRO A 267 -14.86 -4.43 -21.14
N SER A 268 -14.19 -3.32 -20.80
CA SER A 268 -14.68 -2.32 -19.87
C SER A 268 -14.77 -0.97 -20.56
N ASN A 269 -15.65 -0.12 -20.05
CA ASN A 269 -15.85 1.21 -20.60
C ASN A 269 -15.33 2.32 -19.69
N GLY A 270 -14.82 1.98 -18.51
CA GLY A 270 -14.29 2.97 -17.61
C GLY A 270 -14.58 2.60 -16.17
N ALA A 271 -14.43 3.58 -15.29
CA ALA A 271 -14.61 3.34 -13.86
C ALA A 271 -16.06 3.06 -13.52
N GLY A 272 -16.26 2.24 -12.50
CA GLY A 272 -17.58 1.86 -12.01
C GLY A 272 -17.98 2.65 -10.79
N LEU A 273 -18.67 1.98 -9.87
CA LEU A 273 -19.28 2.68 -8.75
C LEU A 273 -18.22 3.23 -7.80
N ALA A 274 -18.68 4.14 -6.95
CA ALA A 274 -17.89 4.68 -5.86
C ALA A 274 -18.53 4.28 -4.54
N GLY A 275 -17.71 4.19 -3.50
CA GLY A 275 -18.22 3.95 -2.17
C GLY A 275 -18.82 5.23 -1.61
N PRO A 276 -19.73 5.10 -0.65
CA PRO A 276 -20.39 6.29 -0.09
C PRO A 276 -19.44 7.24 0.63
N TYR A 277 -18.35 6.73 1.21
CA TYR A 277 -17.41 7.54 1.97
C TYR A 277 -16.11 7.82 1.23
N THR A 278 -15.56 6.86 0.49
CA THR A 278 -14.33 7.12 -0.25
C THR A 278 -14.60 7.98 -1.48
N ALA A 279 -15.80 7.89 -2.05
CA ALA A 279 -16.33 8.86 -3.01
C ALA A 279 -15.39 9.08 -4.20
N GLU A 280 -14.95 7.97 -4.81
CA GLU A 280 -14.06 8.02 -5.96
C GLU A 280 -14.46 6.89 -6.89
N SER A 281 -15.08 7.21 -8.02
CA SER A 281 -15.44 6.18 -9.00
C SER A 281 -14.20 5.37 -9.37
N GLY A 282 -14.36 4.05 -9.39
CA GLY A 282 -13.28 3.15 -9.68
C GLY A 282 -12.60 2.54 -8.47
N TYR A 283 -12.91 3.02 -7.27
CA TYR A 283 -12.28 2.58 -6.03
C TYR A 283 -13.37 2.32 -5.01
N VAL A 284 -13.22 1.29 -4.19
CA VAL A 284 -14.19 1.08 -3.11
C VAL A 284 -13.47 0.42 -1.93
N GLY A 285 -13.71 0.91 -0.72
CA GLY A 285 -13.09 0.29 0.44
C GLY A 285 -13.72 -1.06 0.71
N TYR A 286 -12.96 -1.96 1.35
CA TYR A 286 -13.56 -3.23 1.74
C TYR A 286 -14.76 -3.00 2.66
N ASN A 287 -14.65 -2.06 3.61
CA ASN A 287 -15.79 -1.78 4.49
C ASN A 287 -17.02 -1.41 3.68
N GLU A 288 -16.83 -0.63 2.62
CA GLU A 288 -17.94 -0.19 1.80
C GLU A 288 -18.50 -1.33 0.95
N PHE A 289 -17.62 -2.13 0.36
CA PHE A 289 -18.13 -3.13 -0.57
C PHE A 289 -18.67 -4.36 0.15
N CYS A 290 -18.07 -4.78 1.27
CA CYS A 290 -18.70 -5.89 1.98
C CYS A 290 -20.12 -5.50 2.42
N TYR A 291 -20.32 -4.24 2.80
CA TYR A 291 -21.65 -3.81 3.20
C TYR A 291 -22.60 -3.77 2.01
N ILE A 292 -22.13 -3.28 0.86
CA ILE A 292 -22.95 -3.31 -0.34
C ILE A 292 -23.38 -4.72 -0.69
N LEU A 293 -22.44 -5.68 -0.63
CA LEU A 293 -22.79 -7.07 -0.95
C LEU A 293 -23.80 -7.62 0.04
N GLN A 294 -23.63 -7.29 1.31
CA GLN A 294 -24.52 -7.79 2.35
C GLN A 294 -25.95 -7.24 2.17
N GLN A 295 -26.08 -5.99 1.73
CA GLN A 295 -27.38 -5.34 1.64
C GLN A 295 -28.11 -5.56 0.32
N GLU A 296 -27.44 -6.04 -0.71
CA GLU A 296 -28.08 -6.24 -2.02
C GLU A 296 -27.78 -7.66 -2.50
N SER A 297 -28.78 -8.53 -2.39
CA SER A 297 -28.54 -9.93 -2.73
C SER A 297 -28.43 -10.16 -4.24
N SER A 298 -28.72 -9.17 -5.07
CA SER A 298 -28.67 -9.35 -6.52
C SER A 298 -27.24 -9.49 -7.04
N TRP A 299 -26.25 -9.03 -6.28
CA TRP A 299 -24.87 -9.19 -6.71
C TRP A 299 -24.54 -10.66 -6.89
N THR A 300 -23.69 -10.95 -7.87
CA THR A 300 -23.11 -12.27 -8.05
C THR A 300 -21.65 -12.19 -7.66
N VAL A 301 -21.24 -13.03 -6.71
CA VAL A 301 -19.83 -13.10 -6.28
C VAL A 301 -19.25 -14.42 -6.78
N GLN A 302 -18.10 -14.34 -7.43
CA GLN A 302 -17.40 -15.50 -7.95
C GLN A 302 -15.98 -15.49 -7.44
N THR A 303 -15.36 -16.66 -7.40
CA THR A 303 -13.93 -16.75 -7.10
C THR A 303 -13.20 -17.11 -8.39
N ASP A 304 -12.19 -16.32 -8.73
CA ASP A 304 -11.29 -16.70 -9.82
C ASP A 304 -10.29 -17.69 -9.21
N ASN A 305 -10.45 -18.97 -9.55
CA ASN A 305 -9.65 -20.01 -8.92
C ASN A 305 -8.29 -20.19 -9.59
N LEU A 306 -7.99 -19.41 -10.63
CA LEU A 306 -6.61 -19.29 -11.09
C LEU A 306 -5.86 -18.25 -10.28
N ALA A 307 -6.47 -17.06 -10.12
CA ALA A 307 -5.83 -15.93 -9.44
C ALA A 307 -6.02 -15.95 -7.92
N LYS A 308 -6.97 -16.75 -7.41
CA LYS A 308 -7.23 -16.89 -5.98
C LYS A 308 -7.82 -15.61 -5.36
N VAL A 309 -8.67 -14.91 -6.12
CA VAL A 309 -9.31 -13.69 -5.62
C VAL A 309 -10.75 -13.65 -6.09
N PRO A 310 -11.61 -12.96 -5.33
CA PRO A 310 -13.01 -12.85 -5.71
C PRO A 310 -13.28 -11.65 -6.59
N TYR A 311 -14.42 -11.71 -7.28
CA TYR A 311 -14.94 -10.56 -7.99
C TYR A 311 -16.45 -10.64 -7.97
N ALA A 312 -17.10 -9.52 -8.28
CA ALA A 312 -18.55 -9.46 -8.18
C ALA A 312 -19.11 -8.63 -9.32
N PHE A 313 -20.31 -8.97 -9.77
CA PHE A 313 -20.93 -8.14 -10.80
C PHE A 313 -22.42 -8.00 -10.55
N LEU A 314 -22.96 -6.90 -11.07
CA LEU A 314 -24.38 -6.61 -11.02
C LEU A 314 -24.67 -5.69 -12.20
N ASP A 315 -25.33 -6.23 -13.23
CA ASP A 315 -25.55 -5.48 -14.46
C ASP A 315 -24.23 -4.88 -14.97
N TYR A 316 -24.16 -3.55 -15.11
CA TYR A 316 -22.93 -2.95 -15.64
C TYR A 316 -21.77 -2.98 -14.65
N ASN A 317 -22.03 -3.15 -13.35
CA ASN A 317 -20.97 -3.06 -12.35
C ASN A 317 -20.14 -4.33 -12.29
N TRP A 318 -18.83 -4.18 -12.33
CA TRP A 318 -17.90 -5.29 -12.14
C TRP A 318 -16.85 -4.82 -11.15
N VAL A 319 -16.63 -5.61 -10.09
CA VAL A 319 -15.80 -5.17 -8.96
C VAL A 319 -14.79 -6.27 -8.64
N SER A 320 -13.50 -5.92 -8.65
CA SER A 320 -12.45 -6.76 -8.07
C SER A 320 -12.23 -6.34 -6.62
N PHE A 321 -12.11 -7.32 -5.73
CA PHE A 321 -11.86 -7.01 -4.32
C PHE A 321 -11.13 -8.18 -3.66
N ASP A 322 -10.84 -8.02 -2.37
CA ASP A 322 -10.22 -9.06 -1.58
C ASP A 322 -11.02 -9.25 -0.31
N ASN A 323 -11.18 -10.50 0.10
CA ASN A 323 -11.96 -10.79 1.29
C ASN A 323 -11.14 -11.66 2.25
N VAL A 324 -11.78 -12.20 3.30
CA VAL A 324 -11.03 -12.97 4.27
C VAL A 324 -10.37 -14.17 3.61
N GLU A 325 -11.08 -14.83 2.70
CA GLU A 325 -10.53 -16.00 2.03
C GLU A 325 -9.31 -15.65 1.18
N SER A 326 -9.41 -14.58 0.38
CA SER A 326 -8.27 -14.27 -0.48
C SER A 326 -7.12 -13.67 0.31
N MET A 327 -7.42 -12.96 1.40
CA MET A 327 -6.37 -12.48 2.29
C MET A 327 -5.63 -13.64 2.92
N THR A 328 -6.35 -14.70 3.32
CA THR A 328 -5.71 -15.89 3.85
C THR A 328 -4.74 -16.49 2.83
N ALA A 329 -5.18 -16.61 1.57
CA ALA A 329 -4.30 -17.16 0.54
C ALA A 329 -3.06 -16.31 0.37
N LYS A 330 -3.21 -14.99 0.45
CA LYS A 330 -2.05 -14.10 0.29
C LYS A 330 -1.05 -14.27 1.43
N VAL A 331 -1.54 -14.35 2.67
CA VAL A 331 -0.59 -14.44 3.77
C VAL A 331 0.03 -15.83 3.83
N GLU A 332 -0.73 -16.88 3.47
CA GLU A 332 -0.15 -18.20 3.33
C GLU A 332 0.96 -18.21 2.29
N TYR A 333 0.75 -17.51 1.17
CA TYR A 333 1.80 -17.38 0.16
C TYR A 333 3.04 -16.71 0.74
N ALA A 334 2.85 -15.60 1.47
CA ALA A 334 3.98 -14.92 2.07
C ALA A 334 4.70 -15.81 3.06
N ASN A 335 3.96 -16.55 3.89
CA ASN A 335 4.58 -17.51 4.80
C ASN A 335 5.41 -18.54 4.05
N SER A 336 4.89 -19.03 2.91
CA SER A 336 5.56 -20.09 2.17
C SER A 336 6.90 -19.63 1.60
N PHE A 337 7.09 -18.33 1.39
CA PHE A 337 8.38 -17.82 0.93
C PHE A 337 9.15 -17.10 2.03
N ASN A 338 8.75 -17.29 3.30
CA ASN A 338 9.46 -16.74 4.46
C ASN A 338 9.62 -15.23 4.32
N LEU A 339 8.59 -14.57 3.82
CA LEU A 339 8.67 -13.12 3.70
C LEU A 339 8.59 -12.47 5.09
N ARG A 340 9.12 -11.25 5.18
CA ARG A 340 9.24 -10.58 6.46
C ARG A 340 7.87 -10.25 7.05
N GLY A 341 6.88 -10.03 6.21
CA GLY A 341 5.56 -9.72 6.73
C GLY A 341 4.66 -9.17 5.64
N ILE A 342 3.65 -8.45 6.11
CA ILE A 342 2.55 -7.97 5.28
C ILE A 342 2.39 -6.48 5.50
N MET A 343 2.24 -5.72 4.41
CA MET A 343 1.91 -4.31 4.44
C MET A 343 0.51 -4.15 3.88
N LEU A 344 -0.28 -3.26 4.46
CA LEU A 344 -1.65 -3.09 3.99
C LEU A 344 -1.95 -1.64 3.67
N TRP A 345 -2.58 -1.41 2.53
CA TRP A 345 -3.22 -0.15 2.19
C TRP A 345 -4.72 -0.39 2.15
N SER A 346 -5.47 0.16 3.10
CA SER A 346 -5.02 0.92 4.25
C SER A 346 -6.00 0.58 5.39
N ILE A 347 -5.62 0.88 6.63
CA ILE A 347 -6.37 0.36 7.77
C ILE A 347 -7.79 0.92 7.82
N GLU A 348 -8.00 2.15 7.34
CA GLU A 348 -9.29 2.80 7.47
C GLU A 348 -10.36 2.23 6.55
N THR A 349 -10.04 1.28 5.65
CA THR A 349 -11.09 0.63 4.87
C THR A 349 -11.20 -0.87 5.13
N ASP A 350 -10.57 -1.38 6.19
CA ASP A 350 -11.06 -2.64 6.74
C ASP A 350 -12.48 -2.42 7.22
N ASP A 351 -13.21 -3.51 7.45
CA ASP A 351 -14.53 -3.40 8.10
C ASP A 351 -14.29 -3.16 9.60
N PHE A 352 -13.82 -1.94 9.91
CA PHE A 352 -13.37 -1.66 11.26
C PHE A 352 -14.51 -1.64 12.27
N HIS A 353 -15.74 -1.39 11.82
CA HIS A 353 -16.88 -1.45 12.71
C HIS A 353 -17.50 -2.85 12.80
N GLY A 354 -17.01 -3.81 12.04
CA GLY A 354 -17.56 -5.16 12.06
C GLY A 354 -18.97 -5.26 11.55
N LEU A 355 -19.37 -4.38 10.64
CA LEU A 355 -20.75 -4.36 10.15
C LEU A 355 -21.06 -5.49 9.19
N CYS A 356 -20.06 -6.20 8.70
CA CYS A 356 -20.26 -7.25 7.71
C CYS A 356 -20.26 -8.64 8.30
N GLY A 357 -20.24 -8.76 9.62
CA GLY A 357 -20.55 -10.00 10.29
C GLY A 357 -19.40 -10.93 10.57
N GLU A 358 -18.16 -10.51 10.30
CA GLU A 358 -17.00 -11.35 10.54
C GLU A 358 -16.10 -10.75 11.62
N GLY A 359 -16.67 -9.96 12.51
CA GLY A 359 -15.93 -9.30 13.56
C GLY A 359 -15.36 -7.98 13.09
N THR A 360 -14.90 -7.16 14.05
CA THR A 360 -14.23 -5.94 13.67
C THR A 360 -12.88 -6.27 13.04
N PHE A 361 -12.45 -5.42 12.12
CA PHE A 361 -11.17 -5.57 11.45
C PHE A 361 -10.94 -6.98 10.91
N PRO A 362 -11.87 -7.52 10.11
CA PRO A 362 -11.71 -8.91 9.66
C PRO A 362 -10.47 -9.13 8.81
N LEU A 363 -10.13 -8.20 7.92
CA LEU A 363 -8.94 -8.40 7.09
C LEU A 363 -7.66 -8.32 7.91
N LEU A 364 -7.57 -7.33 8.80
CA LEU A 364 -6.36 -7.17 9.61
C LEU A 364 -6.20 -8.33 10.61
N ASN A 365 -7.31 -8.77 11.22
CA ASN A 365 -7.22 -9.93 12.11
C ASN A 365 -6.80 -11.17 11.35
N THR A 366 -7.29 -11.33 10.12
CA THR A 366 -6.87 -12.45 9.29
C THR A 366 -5.36 -12.44 9.09
N ILE A 367 -4.79 -11.27 8.75
CA ILE A 367 -3.34 -11.16 8.56
C ILE A 367 -2.61 -11.58 9.83
N ASN A 368 -3.03 -11.04 10.97
CA ASN A 368 -2.36 -11.34 12.24
C ASN A 368 -2.45 -12.83 12.57
N THR A 369 -3.62 -13.42 12.33
CA THR A 369 -3.84 -14.83 12.68
C THR A 369 -3.00 -15.74 11.80
N VAL A 370 -3.01 -15.51 10.48
CA VAL A 370 -2.26 -16.41 9.60
C VAL A 370 -0.75 -16.24 9.80
N LEU A 371 -0.28 -15.03 10.12
CA LEU A 371 1.14 -14.87 10.41
C LEU A 371 1.51 -15.56 11.72
N ALA A 372 0.66 -15.44 12.74
CA ALA A 372 0.95 -16.08 14.03
C ALA A 372 0.95 -17.59 13.92
N GLU A 373 0.05 -18.15 13.09
CA GLU A 373 -0.05 -19.59 12.96
C GLU A 373 1.01 -20.18 12.04
N GLY A 374 1.58 -19.39 11.14
CA GLY A 374 2.59 -19.88 10.21
C GLY A 374 2.08 -20.77 9.09
N SER A 375 0.77 -20.81 8.83
CA SER A 375 0.23 -21.66 7.78
C SER A 375 0.81 -21.27 6.42
N THR A 376 1.24 -22.28 5.65
CA THR A 376 1.83 -22.03 4.34
C THR A 376 0.95 -22.49 3.19
N GLU A 377 -0.19 -23.13 3.47
CA GLU A 377 -1.06 -23.62 2.41
C GLU A 377 -2.46 -23.85 2.95
#